data_3JYN
#
_entry.id   3JYN
#
_cell.length_a   63.317
_cell.length_b   63.317
_cell.length_c   130.374
_cell.angle_alpha   90.00
_cell.angle_beta   90.00
_cell.angle_gamma   120.00
#
_symmetry.space_group_name_H-M   'P 31 2 1'
#
loop_
_entity.id
_entity.type
_entity.pdbx_description
1 polymer 'Quinone oxidoreductase'
2 non-polymer 'NADPH DIHYDRO-NICOTINAMIDE-ADENINE-DINUCLEOTIDE PHOSPHATE'
3 water water
#
_entity_poly.entity_id   1
_entity_poly.type   'polypeptide(L)'
_entity_poly.pdbx_seq_one_letter_code
;MAKRIQFSTVGGPEVLEYVDFEPEAPGPQAVVVRNKAIGLNFIDTYYRSGLYPAPFLPSGLGAEGAGVVEAVGDEVTRFK
VGDRVAYGTGPLGAYSEVHVLPEANLVKLADSVSFEQAAALMLKGLTVQYLLRQTYQVKPGEIILFHAAAGGVGSLACQW
AKALGAKLIGTVSSPEKAAHAKALGAWETIDYSHEDVAKRVLELTDGKKCPVVYDGVGQDTWLTSLDSVAPRGLVVSFGN
ASGPVSGVNLGILAQKDSVYVTRPTLGSYANNAQNLQTMADELFDMLASGKLKVDGIEQYALKDAAKAQIELSARRTTGS
TILIP
;
_entity_poly.pdbx_strand_id   A
#
loop_
_chem_comp.id
_chem_comp.type
_chem_comp.name
_chem_comp.formula
NDP non-polymer 'NADPH DIHYDRO-NICOTINAMIDE-ADENINE-DINUCLEOTIDE PHOSPHATE' 'C21 H30 N7 O17 P3'
#
# COMPACT_ATOMS: atom_id res chain seq x y z
N MET A 1 28.27 12.31 0.79
CA MET A 1 27.24 12.41 1.86
C MET A 1 25.86 12.79 1.32
N ALA A 2 24.83 12.30 1.97
CA ALA A 2 23.45 12.58 1.58
C ALA A 2 22.56 12.54 2.82
N LYS A 3 21.38 13.13 2.71
CA LYS A 3 20.44 13.14 3.82
C LYS A 3 19.48 11.97 3.76
N ARG A 4 19.08 11.48 4.93
CA ARG A 4 18.15 10.37 5.02
C ARG A 4 17.41 10.46 6.34
N ILE A 5 16.34 9.69 6.46
CA ILE A 5 15.59 9.58 7.71
C ILE A 5 15.86 8.20 8.29
N GLN A 6 16.33 8.16 9.54
CA GLN A 6 16.74 6.91 10.15
C GLN A 6 16.36 6.90 11.62
N PHE A 7 16.44 5.73 12.24
CA PHE A 7 16.14 5.60 13.65
C PHE A 7 17.17 4.67 14.29
N SER A 8 17.66 5.08 15.45
CA SER A 8 18.67 4.32 16.19
C SER A 8 18.00 3.38 17.19
N THR A 9 16.70 3.54 17.35
CA THR A 9 15.91 2.73 18.27
C THR A 9 14.45 2.76 17.84
N VAL A 10 13.70 1.69 18.12
CA VAL A 10 12.29 1.66 17.74
C VAL A 10 11.44 2.43 18.74
N GLY A 11 10.33 2.96 18.28
CA GLY A 11 9.45 3.71 19.16
C GLY A 11 8.46 4.58 18.39
N GLY A 12 8.12 5.72 18.97
CA GLY A 12 7.17 6.61 18.31
C GLY A 12 7.87 7.50 17.31
N PRO A 13 7.14 8.45 16.70
CA PRO A 13 7.69 9.38 15.70
C PRO A 13 8.97 10.11 16.12
N GLU A 14 9.12 10.38 17.42
CA GLU A 14 10.28 11.10 17.92
C GLU A 14 11.60 10.36 17.63
N VAL A 15 11.47 9.07 17.31
CA VAL A 15 12.62 8.23 17.04
C VAL A 15 13.29 8.55 15.69
N LEU A 16 12.57 9.20 14.79
CA LEU A 16 13.11 9.53 13.47
C LEU A 16 14.09 10.70 13.49
N GLU A 17 15.21 10.55 12.79
CA GLU A 17 16.23 11.61 12.71
C GLU A 17 16.62 11.88 11.26
N TYR A 18 16.68 13.15 10.91
CA TYR A 18 17.05 13.57 9.55
C TYR A 18 18.55 13.89 9.60
N VAL A 19 19.37 12.97 9.10
CA VAL A 19 20.82 13.19 9.15
C VAL A 19 21.61 12.75 7.94
N ASP A 20 22.90 13.07 7.97
CA ASP A 20 23.83 12.72 6.91
C ASP A 20 24.26 11.26 7.06
N PHE A 21 24.49 10.61 5.93
CA PHE A 21 24.92 9.22 5.93
C PHE A 21 25.68 9.02 4.64
N GLU A 22 26.48 7.95 4.57
CA GLU A 22 27.27 7.70 3.39
C GLU A 22 26.72 6.52 2.57
N PRO A 23 26.10 6.82 1.43
CA PRO A 23 25.53 5.79 0.55
C PRO A 23 26.56 4.73 0.19
N GLU A 24 26.12 3.48 0.14
CA GLU A 24 27.00 2.37 -0.20
C GLU A 24 27.25 2.32 -1.70
N ALA A 25 28.38 1.74 -2.09
CA ALA A 25 28.69 1.53 -3.50
C ALA A 25 27.87 0.36 -4.04
N PRO A 26 27.10 0.62 -5.10
CA PRO A 26 26.23 -0.40 -5.68
C PRO A 26 26.92 -1.73 -5.95
N GLY A 27 26.26 -2.82 -5.60
CA GLY A 27 26.75 -4.16 -5.86
C GLY A 27 26.73 -4.39 -7.35
N PRO A 28 27.18 -5.57 -7.83
CA PRO A 28 27.18 -5.85 -9.27
C PRO A 28 25.80 -5.74 -9.91
N GLN A 29 24.77 -6.10 -9.15
CA GLN A 29 23.40 -6.05 -9.63
C GLN A 29 22.53 -5.05 -8.89
N ALA A 30 23.16 -4.02 -8.32
CA ALA A 30 22.45 -3.00 -7.57
C ALA A 30 22.35 -1.72 -8.38
N VAL A 31 21.41 -0.86 -8.02
CA VAL A 31 21.22 0.40 -8.71
C VAL A 31 21.15 1.54 -7.71
N VAL A 32 21.83 2.64 -8.00
CA VAL A 32 21.81 3.81 -7.11
C VAL A 32 20.79 4.78 -7.68
N VAL A 33 19.76 5.06 -6.89
CA VAL A 33 18.71 5.96 -7.32
C VAL A 33 18.70 7.30 -6.57
N ARG A 34 18.66 8.38 -7.34
CA ARG A 34 18.57 9.72 -6.78
C ARG A 34 17.10 10.10 -6.68
N ASN A 35 16.52 9.84 -5.51
CA ASN A 35 15.09 9.99 -5.30
C ASN A 35 14.58 11.41 -5.52
N LYS A 36 13.45 11.52 -6.22
CA LYS A 36 12.81 12.80 -6.46
C LYS A 36 11.48 12.85 -5.72
N ALA A 37 10.95 11.68 -5.41
CA ALA A 37 9.69 11.57 -4.67
C ALA A 37 9.74 10.25 -3.90
N ILE A 38 9.30 10.28 -2.66
CA ILE A 38 9.32 9.13 -1.77
C ILE A 38 7.91 8.82 -1.24
N GLY A 39 7.56 7.54 -1.20
CA GLY A 39 6.23 7.20 -0.73
C GLY A 39 6.09 7.16 0.78
N LEU A 40 4.85 7.31 1.23
CA LEU A 40 4.52 7.25 2.66
C LEU A 40 3.54 6.07 2.78
N ASN A 41 3.92 5.07 3.56
CA ASN A 41 3.09 3.88 3.73
C ASN A 41 2.97 3.49 5.20
N PHE A 42 1.81 2.94 5.55
CA PHE A 42 1.55 2.56 6.93
C PHE A 42 2.64 1.64 7.49
N ILE A 43 3.15 0.73 6.66
CA ILE A 43 4.19 -0.19 7.11
C ILE A 43 5.44 0.56 7.60
N ASP A 44 5.64 1.78 7.13
CA ASP A 44 6.79 2.58 7.53
C ASP A 44 6.74 2.81 9.04
N THR A 45 5.54 2.99 9.55
CA THR A 45 5.36 3.24 10.97
C THR A 45 5.61 1.98 11.79
N TYR A 46 5.36 0.82 11.17
CA TYR A 46 5.57 -0.46 11.86
C TYR A 46 7.04 -0.82 12.01
N TYR A 47 7.85 -0.44 11.04
CA TYR A 47 9.27 -0.70 11.13
C TYR A 47 9.81 0.24 12.19
N ARG A 48 9.36 1.49 12.16
CA ARG A 48 9.81 2.47 13.14
C ARG A 48 9.36 2.11 14.56
N SER A 49 8.17 1.52 14.69
CA SER A 49 7.64 1.15 16.00
C SER A 49 8.24 -0.17 16.50
N GLY A 50 8.83 -0.93 15.59
CA GLY A 50 9.43 -2.20 15.97
C GLY A 50 8.53 -3.40 15.74
N LEU A 51 7.32 -3.17 15.24
CA LEU A 51 6.39 -4.27 14.98
C LEU A 51 7.09 -5.20 13.99
N TYR A 52 7.91 -4.62 13.13
CA TYR A 52 8.71 -5.40 12.18
C TYR A 52 10.17 -5.02 12.34
N PRO A 53 10.96 -5.93 12.88
CA PRO A 53 12.36 -5.63 13.20
C PRO A 53 13.22 -5.33 11.98
N ALA A 54 14.17 -4.43 12.16
CA ALA A 54 15.09 -4.06 11.09
C ALA A 54 16.30 -4.98 11.22
N PRO A 55 17.10 -5.10 10.16
CA PRO A 55 18.28 -5.97 10.25
C PRO A 55 19.38 -5.40 11.13
N PHE A 56 19.33 -4.09 11.39
CA PHE A 56 20.32 -3.44 12.23
C PHE A 56 19.97 -1.99 12.52
N LEU A 57 20.58 -1.44 13.56
CA LEU A 57 20.36 -0.07 13.98
C LEU A 57 21.68 0.67 13.98
N PRO A 58 21.70 1.94 13.53
CA PRO A 58 20.55 2.69 13.05
C PRO A 58 20.05 2.14 11.71
N SER A 59 18.75 2.25 11.47
CA SER A 59 18.17 1.74 10.24
C SER A 59 17.50 2.82 9.40
N GLY A 60 17.56 2.64 8.09
CA GLY A 60 16.86 3.53 7.18
C GLY A 60 15.40 3.14 7.26
N LEU A 61 14.57 3.76 6.43
CA LEU A 61 13.16 3.41 6.43
C LEU A 61 12.57 3.65 5.05
N GLY A 62 11.44 2.99 4.77
CA GLY A 62 10.79 3.18 3.48
C GLY A 62 11.21 2.22 2.37
N ALA A 63 10.23 1.80 1.57
CA ALA A 63 10.50 0.89 0.46
C ALA A 63 9.83 1.33 -0.85
N GLU A 64 9.35 2.57 -0.89
CA GLU A 64 8.71 3.08 -2.10
C GLU A 64 9.28 4.43 -2.50
N GLY A 65 9.52 4.59 -3.80
CA GLY A 65 10.05 5.85 -4.28
C GLY A 65 10.22 5.87 -5.79
N ALA A 66 10.65 7.02 -6.30
CA ALA A 66 10.86 7.20 -7.72
C ALA A 66 11.91 8.29 -7.93
N GLY A 67 12.79 8.09 -8.90
CA GLY A 67 13.82 9.08 -9.15
C GLY A 67 14.66 8.77 -10.37
N VAL A 68 15.86 9.36 -10.42
CA VAL A 68 16.77 9.16 -11.53
C VAL A 68 17.92 8.22 -11.15
N VAL A 69 18.27 7.31 -12.07
CA VAL A 69 19.37 6.38 -11.83
C VAL A 69 20.65 7.20 -11.84
N GLU A 70 21.46 7.06 -10.80
CA GLU A 70 22.70 7.83 -10.69
C GLU A 70 23.93 6.95 -10.92
N ALA A 71 23.85 5.70 -10.49
CA ALA A 71 24.94 4.75 -10.64
C ALA A 71 24.34 3.37 -10.89
N VAL A 72 25.10 2.53 -11.57
CA VAL A 72 24.67 1.18 -11.89
C VAL A 72 25.77 0.18 -11.61
N GLY A 73 25.40 -1.01 -11.14
CA GLY A 73 26.38 -2.05 -10.87
C GLY A 73 26.94 -2.53 -12.20
N ASP A 74 28.12 -3.14 -12.17
CA ASP A 74 28.75 -3.62 -13.40
C ASP A 74 27.94 -4.66 -14.17
N GLU A 75 27.13 -5.46 -13.47
CA GLU A 75 26.32 -6.49 -14.12
C GLU A 75 24.92 -6.03 -14.51
N VAL A 76 24.62 -4.76 -14.29
CA VAL A 76 23.30 -4.25 -14.65
C VAL A 76 23.27 -3.79 -16.10
N THR A 77 22.27 -4.25 -16.83
CA THR A 77 22.13 -3.88 -18.24
C THR A 77 20.75 -3.28 -18.54
N ARG A 78 19.77 -3.55 -17.69
CA ARG A 78 18.43 -3.03 -17.89
C ARG A 78 18.36 -1.53 -17.70
N PHE A 79 19.19 -1.02 -16.79
CA PHE A 79 19.20 0.39 -16.47
C PHE A 79 20.54 1.05 -16.75
N LYS A 80 20.50 2.33 -17.09
CA LYS A 80 21.70 3.11 -17.33
C LYS A 80 21.50 4.46 -16.65
N VAL A 81 22.59 5.14 -16.33
CA VAL A 81 22.50 6.44 -15.68
C VAL A 81 21.52 7.34 -16.42
N GLY A 82 20.68 8.05 -15.66
CA GLY A 82 19.72 8.94 -16.27
C GLY A 82 18.33 8.36 -16.40
N ASP A 83 18.22 7.04 -16.36
CA ASP A 83 16.92 6.39 -16.47
C ASP A 83 15.98 6.81 -15.34
N ARG A 84 14.71 7.03 -15.68
CA ARG A 84 13.71 7.40 -14.70
C ARG A 84 13.00 6.15 -14.19
N VAL A 85 13.20 5.84 -12.91
CA VAL A 85 12.64 4.62 -12.34
C VAL A 85 11.78 4.80 -11.09
N ALA A 86 11.11 3.72 -10.71
CA ALA A 86 10.25 3.69 -9.54
C ALA A 86 10.33 2.31 -8.89
N TYR A 87 10.00 2.24 -7.61
CA TYR A 87 10.05 0.97 -6.89
C TYR A 87 9.05 0.98 -5.74
N GLY A 88 8.54 -0.20 -5.40
CA GLY A 88 7.58 -0.29 -4.31
C GLY A 88 7.89 -1.48 -3.42
N THR A 89 9.05 -2.10 -3.65
CA THR A 89 9.49 -3.25 -2.88
C THR A 89 11.02 -3.17 -2.75
N GLY A 90 11.58 -3.97 -1.86
CA GLY A 90 13.02 -3.97 -1.68
C GLY A 90 13.45 -3.66 -0.26
N PRO A 91 14.75 -3.41 -0.03
CA PRO A 91 15.29 -3.10 1.29
C PRO A 91 14.85 -1.73 1.81
N LEU A 92 15.00 -1.53 3.12
CA LEU A 92 14.66 -0.27 3.75
C LEU A 92 15.60 0.82 3.25
N GLY A 93 15.15 2.07 3.28
CA GLY A 93 16.00 3.16 2.84
C GLY A 93 15.43 4.17 1.87
N ALA A 94 14.18 3.98 1.46
CA ALA A 94 13.53 4.91 0.52
C ALA A 94 13.51 6.33 1.06
N TYR A 95 13.44 6.46 2.38
CA TYR A 95 13.42 7.77 3.04
C TYR A 95 14.82 8.39 2.97
N SER A 96 15.32 8.62 1.75
CA SER A 96 16.65 9.20 1.58
C SER A 96 16.79 9.94 0.26
N GLU A 97 17.85 10.74 0.15
CA GLU A 97 18.11 11.49 -1.08
C GLU A 97 18.68 10.51 -2.10
N VAL A 98 19.36 9.48 -1.58
CA VAL A 98 19.96 8.46 -2.40
C VAL A 98 19.66 7.09 -1.80
N HIS A 99 19.08 6.21 -2.62
CA HIS A 99 18.72 4.86 -2.19
C HIS A 99 19.36 3.84 -3.13
N VAL A 100 19.96 2.80 -2.53
CA VAL A 100 20.61 1.74 -3.29
C VAL A 100 19.85 0.43 -3.11
N LEU A 101 19.46 -0.19 -4.22
CA LEU A 101 18.70 -1.43 -4.13
C LEU A 101 18.91 -2.32 -5.36
N PRO A 102 18.53 -3.60 -5.27
CA PRO A 102 18.67 -4.55 -6.38
C PRO A 102 17.88 -4.09 -7.59
N GLU A 103 18.43 -4.31 -8.79
CA GLU A 103 17.75 -3.89 -10.02
C GLU A 103 16.41 -4.61 -10.15
N ALA A 104 16.28 -5.72 -9.43
CA ALA A 104 15.07 -6.51 -9.46
C ALA A 104 13.85 -5.81 -8.90
N ASN A 105 14.07 -4.78 -8.09
CA ASN A 105 12.96 -4.06 -7.48
C ASN A 105 12.55 -2.82 -8.25
N LEU A 106 13.24 -2.56 -9.36
CA LEU A 106 12.97 -1.37 -10.17
C LEU A 106 12.17 -1.60 -11.44
N VAL A 107 11.45 -0.56 -11.85
CA VAL A 107 10.66 -0.59 -13.08
C VAL A 107 10.77 0.76 -13.78
N LYS A 108 11.17 0.75 -15.04
CA LYS A 108 11.41 1.98 -15.77
C LYS A 108 10.09 2.71 -15.92
N LEU A 109 10.11 4.02 -15.70
CA LEU A 109 8.91 4.83 -15.83
C LEU A 109 8.76 5.37 -17.24
N ALA A 110 7.54 5.34 -17.75
CA ALA A 110 7.24 5.92 -19.06
C ALA A 110 7.30 7.43 -18.95
N ASP A 111 7.83 8.08 -19.99
CA ASP A 111 8.03 9.52 -19.91
C ASP A 111 6.78 10.23 -19.43
N SER A 112 5.62 9.63 -19.72
CA SER A 112 4.33 10.20 -19.34
C SER A 112 3.99 10.17 -17.85
N VAL A 113 4.74 9.43 -17.05
CA VAL A 113 4.46 9.37 -15.61
C VAL A 113 5.47 10.16 -14.79
N SER A 114 4.97 11.11 -13.99
CA SER A 114 5.87 11.92 -13.17
C SER A 114 6.30 11.14 -11.93
N PHE A 115 7.36 11.62 -11.28
CA PHE A 115 7.86 10.96 -10.08
C PHE A 115 6.87 11.03 -8.92
N GLU A 116 6.05 12.08 -8.87
CA GLU A 116 5.07 12.22 -7.79
C GLU A 116 3.96 11.19 -7.94
N GLN A 117 3.55 10.94 -9.19
CA GLN A 117 2.51 9.97 -9.45
C GLN A 117 3.02 8.59 -9.06
N ALA A 118 4.25 8.28 -9.47
CA ALA A 118 4.85 6.99 -9.16
C ALA A 118 4.99 6.76 -7.66
N ALA A 119 5.49 7.77 -6.94
CA ALA A 119 5.68 7.66 -5.49
C ALA A 119 4.35 7.56 -4.74
N ALA A 120 3.28 7.99 -5.41
CA ALA A 120 1.97 7.94 -4.79
C ALA A 120 1.21 6.69 -5.21
N LEU A 121 1.64 6.06 -6.31
CA LEU A 121 0.94 4.89 -6.83
C LEU A 121 1.65 3.55 -6.60
N MET A 122 2.93 3.49 -6.94
CA MET A 122 3.71 2.26 -6.89
C MET A 122 3.20 1.24 -5.88
N LEU A 123 3.68 1.34 -4.66
CA LEU A 123 3.41 0.34 -3.63
C LEU A 123 1.92 0.08 -3.40
N LYS A 124 1.14 1.13 -3.19
CA LYS A 124 -0.30 0.98 -2.96
C LYS A 124 -1.02 0.43 -4.19
N GLY A 125 -0.60 0.87 -5.38
CA GLY A 125 -1.20 0.41 -6.61
C GLY A 125 -0.91 -1.05 -6.90
N LEU A 126 0.32 -1.47 -6.63
CA LEU A 126 0.72 -2.86 -6.84
C LEU A 126 -0.06 -3.77 -5.89
N THR A 127 -0.35 -3.25 -4.70
CA THR A 127 -1.10 -4.00 -3.70
C THR A 127 -2.54 -4.21 -4.14
N VAL A 128 -3.18 -3.14 -4.63
CA VAL A 128 -4.55 -3.24 -5.12
C VAL A 128 -4.57 -4.21 -6.30
N GLN A 129 -3.54 -4.15 -7.12
CA GLN A 129 -3.48 -5.04 -8.28
C GLN A 129 -3.52 -6.51 -7.84
N TYR A 130 -2.65 -6.91 -6.91
CA TYR A 130 -2.65 -8.30 -6.51
C TYR A 130 -3.87 -8.66 -5.67
N LEU A 131 -4.38 -7.70 -4.89
CA LEU A 131 -5.56 -7.97 -4.10
C LEU A 131 -6.79 -8.24 -4.96
N LEU A 132 -7.00 -7.42 -5.98
CA LEU A 132 -8.17 -7.58 -6.85
C LEU A 132 -8.00 -8.47 -8.06
N ARG A 133 -6.77 -8.78 -8.44
CA ARG A 133 -6.51 -9.61 -9.61
C ARG A 133 -5.91 -10.98 -9.33
N GLN A 134 -5.19 -11.11 -8.22
CA GLN A 134 -4.53 -12.38 -7.90
C GLN A 134 -5.00 -13.10 -6.64
N THR A 135 -5.10 -12.37 -5.54
CA THR A 135 -5.58 -12.95 -4.29
C THR A 135 -6.99 -13.50 -4.49
N TYR A 136 -7.82 -12.73 -5.19
CA TYR A 136 -9.19 -13.12 -5.49
C TYR A 136 -9.65 -12.40 -6.75
N GLN A 137 -9.71 -13.13 -7.86
CA GLN A 137 -10.02 -12.52 -9.16
C GLN A 137 -11.42 -11.95 -9.18
N VAL A 138 -11.57 -10.71 -8.73
CA VAL A 138 -12.87 -10.07 -8.71
C VAL A 138 -13.45 -9.99 -10.12
N LYS A 139 -14.72 -10.36 -10.25
CA LYS A 139 -15.39 -10.36 -11.54
C LYS A 139 -16.45 -9.26 -11.60
N PRO A 140 -16.83 -8.84 -12.81
CA PRO A 140 -17.85 -7.79 -12.92
C PRO A 140 -19.11 -8.18 -12.14
N GLY A 141 -19.74 -7.19 -11.52
CA GLY A 141 -20.95 -7.46 -10.77
C GLY A 141 -20.82 -7.95 -9.35
N GLU A 142 -19.65 -8.49 -8.98
CA GLU A 142 -19.48 -8.97 -7.62
C GLU A 142 -19.52 -7.86 -6.58
N ILE A 143 -20.13 -8.16 -5.44
CA ILE A 143 -20.24 -7.20 -4.36
C ILE A 143 -19.14 -7.58 -3.35
N ILE A 144 -18.15 -6.70 -3.18
CA ILE A 144 -17.03 -6.95 -2.27
C ILE A 144 -16.96 -5.90 -1.17
N LEU A 145 -16.42 -6.28 -0.02
CA LEU A 145 -16.28 -5.35 1.10
C LEU A 145 -14.81 -4.95 1.19
N PHE A 146 -14.56 -3.64 1.35
CA PHE A 146 -13.20 -3.12 1.44
C PHE A 146 -13.13 -2.03 2.51
N HIS A 147 -12.46 -2.34 3.63
CA HIS A 147 -12.32 -1.41 4.75
C HIS A 147 -11.39 -0.24 4.45
N ALA A 148 -11.52 0.83 5.24
CA ALA A 148 -10.73 2.03 5.02
C ALA A 148 -10.72 2.37 3.54
N ALA A 149 -11.90 2.69 3.01
CA ALA A 149 -12.07 2.93 1.59
C ALA A 149 -11.50 4.27 1.13
N ALA A 150 -11.22 5.17 2.07
CA ALA A 150 -10.71 6.49 1.69
C ALA A 150 -9.19 6.61 1.92
N GLY A 151 -8.57 5.54 2.38
CA GLY A 151 -7.13 5.54 2.62
C GLY A 151 -6.31 5.49 1.35
N GLY A 152 -5.01 5.24 1.51
CA GLY A 152 -4.12 5.17 0.37
C GLY A 152 -4.45 4.00 -0.54
N VAL A 153 -4.52 2.81 0.04
CA VAL A 153 -4.84 1.60 -0.70
C VAL A 153 -6.32 1.67 -1.07
N GLY A 154 -7.15 1.97 -0.07
CA GLY A 154 -8.58 2.04 -0.28
C GLY A 154 -9.01 2.92 -1.44
N SER A 155 -8.44 4.11 -1.54
CA SER A 155 -8.79 5.03 -2.62
C SER A 155 -8.51 4.44 -4.00
N LEU A 156 -7.42 3.71 -4.12
CA LEU A 156 -7.06 3.09 -5.38
C LEU A 156 -8.00 1.92 -5.64
N ALA A 157 -8.36 1.21 -4.57
CA ALA A 157 -9.26 0.07 -4.68
C ALA A 157 -10.66 0.51 -5.15
N CYS A 158 -11.11 1.68 -4.70
CA CYS A 158 -12.42 2.17 -5.13
C CYS A 158 -12.40 2.33 -6.65
N GLN A 159 -11.33 2.95 -7.15
CA GLN A 159 -11.17 3.19 -8.57
C GLN A 159 -11.00 1.91 -9.38
N TRP A 160 -10.18 0.99 -8.90
CA TRP A 160 -9.94 -0.25 -9.61
C TRP A 160 -11.20 -1.12 -9.64
N ALA A 161 -11.90 -1.18 -8.52
CA ALA A 161 -13.13 -1.96 -8.41
C ALA A 161 -14.14 -1.48 -9.45
N LYS A 162 -14.29 -0.17 -9.57
CA LYS A 162 -15.21 0.43 -10.52
C LYS A 162 -14.80 0.02 -11.93
N ALA A 163 -13.50 0.09 -12.20
CA ALA A 163 -12.96 -0.27 -13.52
C ALA A 163 -13.29 -1.72 -13.89
N LEU A 164 -13.35 -2.58 -12.89
CA LEU A 164 -13.64 -4.00 -13.09
C LEU A 164 -15.14 -4.30 -13.19
N GLY A 165 -15.98 -3.33 -12.88
CA GLY A 165 -17.41 -3.54 -12.95
C GLY A 165 -17.92 -4.16 -11.65
N ALA A 166 -17.07 -4.20 -10.64
CA ALA A 166 -17.44 -4.77 -9.34
C ALA A 166 -18.12 -3.71 -8.50
N LYS A 167 -18.86 -4.13 -7.49
CA LYS A 167 -19.55 -3.19 -6.61
C LYS A 167 -18.89 -3.24 -5.23
N LEU A 168 -18.00 -2.28 -4.99
CA LEU A 168 -17.27 -2.21 -3.75
C LEU A 168 -18.00 -1.47 -2.63
N ILE A 169 -18.14 -2.14 -1.48
CA ILE A 169 -18.77 -1.52 -0.32
C ILE A 169 -17.69 -1.08 0.65
N GLY A 170 -17.38 0.21 0.65
CA GLY A 170 -16.26 0.71 1.43
C GLY A 170 -16.61 1.26 2.79
N THR A 171 -15.89 0.83 3.82
CA THR A 171 -16.15 1.33 5.17
C THR A 171 -15.20 2.50 5.44
N VAL A 172 -15.73 3.54 6.07
CA VAL A 172 -14.96 4.73 6.40
C VAL A 172 -15.35 5.25 7.79
N SER A 173 -14.56 6.16 8.34
CA SER A 173 -14.84 6.69 9.67
C SER A 173 -15.60 8.01 9.70
N SER A 174 -16.00 8.53 8.55
CA SER A 174 -16.71 9.81 8.54
C SER A 174 -17.41 10.09 7.21
N PRO A 175 -18.50 10.88 7.26
CA PRO A 175 -19.24 11.22 6.05
C PRO A 175 -18.33 11.87 5.02
N GLU A 176 -17.28 12.52 5.51
CA GLU A 176 -16.31 13.17 4.65
C GLU A 176 -15.54 12.11 3.85
N LYS A 177 -15.03 11.10 4.55
CA LYS A 177 -14.29 10.04 3.87
C LYS A 177 -15.23 9.26 2.95
N ALA A 178 -16.50 9.18 3.35
CA ALA A 178 -17.51 8.49 2.56
C ALA A 178 -17.66 9.17 1.20
N ALA A 179 -17.76 10.50 1.21
CA ALA A 179 -17.90 11.25 -0.02
C ALA A 179 -16.68 11.03 -0.90
N HIS A 180 -15.52 10.99 -0.26
CA HIS A 180 -14.26 10.77 -0.96
C HIS A 180 -14.29 9.43 -1.69
N ALA A 181 -14.63 8.38 -0.95
CA ALA A 181 -14.69 7.04 -1.52
C ALA A 181 -15.71 6.96 -2.65
N LYS A 182 -16.92 7.45 -2.39
CA LYS A 182 -17.98 7.44 -3.39
C LYS A 182 -17.52 8.08 -4.69
N ALA A 183 -16.92 9.26 -4.58
CA ALA A 183 -16.44 9.97 -5.75
C ALA A 183 -15.43 9.17 -6.57
N LEU A 184 -14.64 8.36 -5.88
CA LEU A 184 -13.62 7.54 -6.54
C LEU A 184 -14.14 6.26 -7.17
N GLY A 185 -15.42 5.95 -6.93
CA GLY A 185 -15.98 4.75 -7.52
C GLY A 185 -16.60 3.74 -6.57
N ALA A 186 -16.61 4.02 -5.28
CA ALA A 186 -17.20 3.09 -4.33
C ALA A 186 -18.70 3.00 -4.60
N TRP A 187 -19.22 1.77 -4.65
CA TRP A 187 -20.65 1.53 -4.91
C TRP A 187 -21.49 1.99 -3.73
N GLU A 188 -21.12 1.54 -2.54
CA GLU A 188 -21.82 1.92 -1.32
C GLU A 188 -20.77 2.18 -0.27
N THR A 189 -21.13 2.98 0.73
CA THR A 189 -20.20 3.29 1.79
C THR A 189 -20.87 3.03 3.12
N ILE A 190 -20.08 2.72 4.15
CA ILE A 190 -20.59 2.45 5.49
C ILE A 190 -19.69 3.16 6.48
N ASP A 191 -20.28 4.01 7.32
CA ASP A 191 -19.50 4.74 8.30
C ASP A 191 -19.36 3.93 9.57
N TYR A 192 -18.27 3.17 9.68
CA TYR A 192 -18.11 2.29 10.83
C TYR A 192 -17.66 2.97 12.12
N SER A 193 -17.82 4.29 12.16
CA SER A 193 -17.55 5.05 13.37
C SER A 193 -18.75 4.90 14.27
N HIS A 194 -19.84 4.39 13.69
CA HIS A 194 -21.07 4.14 14.44
C HIS A 194 -22.04 3.12 13.80
N GLU A 195 -21.93 2.88 12.50
CA GLU A 195 -22.83 1.93 11.83
C GLU A 195 -22.43 0.46 12.01
N ASP A 196 -23.43 -0.42 11.91
CA ASP A 196 -23.21 -1.87 12.03
C ASP A 196 -22.86 -2.37 10.62
N VAL A 197 -21.59 -2.58 10.36
CA VAL A 197 -21.15 -3.04 9.04
C VAL A 197 -21.80 -4.34 8.61
N ALA A 198 -21.70 -5.38 9.43
CA ALA A 198 -22.29 -6.67 9.10
C ALA A 198 -23.77 -6.56 8.77
N LYS A 199 -24.49 -5.73 9.52
CA LYS A 199 -25.91 -5.56 9.28
C LYS A 199 -26.13 -4.91 7.91
N ARG A 200 -25.44 -3.80 7.67
CA ARG A 200 -25.55 -3.08 6.40
C ARG A 200 -25.20 -4.00 5.24
N VAL A 201 -24.14 -4.78 5.39
CA VAL A 201 -23.71 -5.70 4.35
C VAL A 201 -24.79 -6.73 4.05
N LEU A 202 -25.40 -7.27 5.10
CA LEU A 202 -26.45 -8.27 4.90
C LEU A 202 -27.59 -7.67 4.08
N GLU A 203 -27.98 -6.44 4.39
CA GLU A 203 -29.06 -5.83 3.63
C GLU A 203 -28.66 -5.40 2.22
N LEU A 204 -27.44 -4.92 2.06
CA LEU A 204 -26.97 -4.49 0.74
C LEU A 204 -26.77 -5.67 -0.22
N THR A 205 -26.52 -6.85 0.33
CA THR A 205 -26.31 -8.04 -0.49
C THR A 205 -27.50 -8.97 -0.54
N ASP A 206 -28.63 -8.52 -0.02
CA ASP A 206 -29.84 -9.33 0.00
C ASP A 206 -29.64 -10.63 0.77
N GLY A 207 -28.90 -10.55 1.88
CA GLY A 207 -28.65 -11.72 2.71
C GLY A 207 -27.59 -12.68 2.24
N LYS A 208 -27.04 -12.45 1.05
CA LYS A 208 -26.02 -13.34 0.50
C LYS A 208 -24.60 -13.02 0.97
N LYS A 209 -24.40 -11.82 1.49
CA LYS A 209 -23.09 -11.39 1.96
C LYS A 209 -22.06 -11.28 0.82
N CYS A 210 -20.79 -11.06 1.18
CA CYS A 210 -19.73 -10.87 0.19
C CYS A 210 -18.81 -12.06 -0.08
N PRO A 211 -18.63 -12.42 -1.37
CA PRO A 211 -17.76 -13.55 -1.70
C PRO A 211 -16.33 -13.30 -1.22
N VAL A 212 -15.95 -12.03 -1.11
CA VAL A 212 -14.62 -11.68 -0.63
C VAL A 212 -14.65 -10.39 0.19
N VAL A 213 -13.85 -10.34 1.24
CA VAL A 213 -13.75 -9.18 2.09
C VAL A 213 -12.27 -8.83 2.21
N TYR A 214 -11.94 -7.57 1.91
CA TYR A 214 -10.56 -7.10 1.99
C TYR A 214 -10.44 -6.30 3.28
N ASP A 215 -9.52 -6.71 4.15
CA ASP A 215 -9.37 -6.06 5.44
C ASP A 215 -7.94 -5.61 5.76
N GLY A 216 -7.71 -4.31 5.64
CA GLY A 216 -6.39 -3.78 5.94
C GLY A 216 -6.29 -3.10 7.30
N VAL A 217 -7.33 -3.18 8.13
CA VAL A 217 -7.24 -2.54 9.44
C VAL A 217 -6.92 -3.55 10.53
N GLY A 218 -7.29 -4.81 10.32
CA GLY A 218 -6.98 -5.88 11.25
C GLY A 218 -7.86 -5.99 12.49
N GLN A 219 -7.21 -6.08 13.64
CA GLN A 219 -7.87 -6.32 14.91
C GLN A 219 -9.31 -5.83 14.95
N ASP A 220 -9.48 -4.52 14.95
CA ASP A 220 -10.79 -3.91 15.13
C ASP A 220 -11.91 -4.34 14.19
N THR A 221 -11.57 -4.91 13.04
CA THR A 221 -12.60 -5.33 12.09
C THR A 221 -12.63 -6.81 11.76
N TRP A 222 -11.80 -7.60 12.44
CA TRP A 222 -11.74 -9.03 12.19
C TRP A 222 -13.11 -9.71 12.30
N LEU A 223 -13.82 -9.51 13.41
CA LEU A 223 -15.14 -10.12 13.56
C LEU A 223 -16.10 -9.58 12.52
N THR A 224 -16.03 -8.28 12.26
CA THR A 224 -16.89 -7.64 11.27
C THR A 224 -16.72 -8.28 9.90
N SER A 225 -15.47 -8.55 9.55
CA SER A 225 -15.17 -9.17 8.26
C SER A 225 -15.67 -10.61 8.25
N LEU A 226 -15.49 -11.32 9.35
CA LEU A 226 -15.94 -12.70 9.44
C LEU A 226 -17.45 -12.77 9.32
N ASP A 227 -18.14 -11.74 9.81
CA ASP A 227 -19.61 -11.69 9.75
C ASP A 227 -20.14 -11.11 8.45
N SER A 228 -19.23 -10.61 7.61
CA SER A 228 -19.63 -10.03 6.32
C SER A 228 -19.31 -10.90 5.11
N VAL A 229 -18.52 -11.96 5.33
CA VAL A 229 -18.16 -12.88 4.24
C VAL A 229 -19.25 -13.91 4.01
N ALA A 230 -19.45 -14.27 2.74
CA ALA A 230 -20.41 -15.31 2.38
C ALA A 230 -19.87 -16.68 2.73
N PRO A 231 -20.76 -17.68 2.88
CA PRO A 231 -20.29 -19.03 3.21
C PRO A 231 -19.21 -19.47 2.24
N ARG A 232 -18.16 -20.12 2.75
CA ARG A 232 -17.07 -20.57 1.89
C ARG A 232 -16.42 -19.41 1.14
N GLY A 233 -16.60 -18.20 1.67
CA GLY A 233 -16.02 -17.02 1.05
C GLY A 233 -14.63 -16.76 1.58
N LEU A 234 -13.99 -15.69 1.12
CA LEU A 234 -12.64 -15.39 1.55
C LEU A 234 -12.45 -14.05 2.27
N VAL A 235 -11.72 -14.06 3.37
CA VAL A 235 -11.40 -12.85 4.10
C VAL A 235 -9.91 -12.55 3.96
N VAL A 236 -9.59 -11.47 3.26
CA VAL A 236 -8.20 -11.14 2.96
C VAL A 236 -7.68 -10.15 3.99
N SER A 237 -6.86 -10.63 4.91
CA SER A 237 -6.29 -9.78 5.94
C SER A 237 -4.92 -9.30 5.48
N PHE A 238 -4.88 -8.15 4.83
CA PHE A 238 -3.61 -7.63 4.31
C PHE A 238 -3.04 -6.45 5.09
N GLY A 239 -3.72 -6.02 6.14
CA GLY A 239 -3.24 -4.88 6.91
C GLY A 239 -3.48 -4.99 8.40
N ASN A 240 -2.82 -4.14 9.18
CA ASN A 240 -2.93 -4.13 10.64
C ASN A 240 -2.99 -2.71 11.21
N ALA A 241 -3.63 -1.80 10.49
CA ALA A 241 -3.73 -0.41 10.93
C ALA A 241 -4.20 -0.26 12.38
N SER A 242 -5.22 -1.03 12.75
CA SER A 242 -5.76 -0.98 14.11
C SER A 242 -5.04 -1.97 15.02
N GLY A 243 -4.11 -2.72 14.44
CA GLY A 243 -3.38 -3.71 15.19
C GLY A 243 -3.51 -5.07 14.52
N PRO A 244 -2.58 -6.00 14.80
CA PRO A 244 -2.66 -7.33 14.18
C PRO A 244 -3.76 -8.21 14.76
N VAL A 245 -4.27 -9.14 13.95
CA VAL A 245 -5.30 -10.06 14.42
C VAL A 245 -4.61 -11.33 14.89
N SER A 246 -4.74 -11.63 16.17
CA SER A 246 -4.08 -12.80 16.73
C SER A 246 -4.97 -13.63 17.66
N GLY A 247 -4.41 -14.74 18.13
CA GLY A 247 -5.15 -15.63 19.02
C GLY A 247 -6.40 -16.20 18.39
N VAL A 248 -6.38 -16.49 17.10
CA VAL A 248 -7.57 -17.04 16.47
C VAL A 248 -7.56 -18.56 16.47
N ASN A 249 -8.73 -19.15 16.66
CA ASN A 249 -8.89 -20.59 16.64
C ASN A 249 -9.53 -21.02 15.34
N LEU A 250 -8.80 -21.79 14.53
CA LEU A 250 -9.27 -22.11 13.19
C LEU A 250 -10.72 -22.54 13.22
N GLY A 251 -11.18 -22.97 14.39
CA GLY A 251 -12.56 -23.40 14.53
C GLY A 251 -13.57 -22.30 14.21
N ILE A 252 -13.15 -21.05 14.33
CA ILE A 252 -14.06 -19.94 14.05
C ILE A 252 -14.36 -19.87 12.54
N LEU A 253 -13.44 -20.36 11.72
CA LEU A 253 -13.63 -20.34 10.28
C LEU A 253 -14.79 -21.27 9.92
N ALA A 254 -14.91 -22.36 10.66
CA ALA A 254 -15.98 -23.32 10.43
C ALA A 254 -17.27 -22.72 10.96
N GLN A 255 -17.18 -22.10 12.14
CA GLN A 255 -18.33 -21.45 12.77
C GLN A 255 -18.96 -20.42 11.85
N LYS A 256 -18.13 -19.71 11.10
CA LYS A 256 -18.64 -18.69 10.18
C LYS A 256 -19.00 -19.27 8.82
N ASP A 257 -19.26 -20.58 8.80
CA ASP A 257 -19.68 -21.32 7.61
C ASP A 257 -18.57 -21.68 6.63
N SER A 258 -17.52 -22.31 7.15
CA SER A 258 -16.39 -22.78 6.34
C SER A 258 -15.76 -21.76 5.42
N VAL A 259 -15.31 -20.63 5.98
CA VAL A 259 -14.69 -19.60 5.16
C VAL A 259 -13.18 -19.81 5.05
N TYR A 260 -12.56 -19.01 4.19
CA TYR A 260 -11.13 -19.05 3.98
C TYR A 260 -10.52 -17.73 4.45
N VAL A 261 -9.24 -17.76 4.81
CA VAL A 261 -8.56 -16.54 5.22
C VAL A 261 -7.12 -16.60 4.75
N THR A 262 -6.59 -15.47 4.31
CA THR A 262 -5.21 -15.42 3.85
C THR A 262 -4.62 -14.11 4.35
N ARG A 263 -3.31 -14.09 4.55
CA ARG A 263 -2.61 -12.89 4.99
C ARG A 263 -1.46 -12.61 4.03
N PRO A 264 -1.80 -12.00 2.89
CA PRO A 264 -0.85 -11.78 1.82
C PRO A 264 0.11 -10.62 2.07
N THR A 265 1.22 -10.63 1.34
CA THR A 265 2.22 -9.59 1.42
C THR A 265 2.67 -9.26 0.01
N LEU A 266 2.86 -7.98 -0.27
CA LEU A 266 3.28 -7.53 -1.60
C LEU A 266 4.50 -8.32 -2.05
N GLY A 267 5.43 -8.53 -1.13
CA GLY A 267 6.64 -9.26 -1.44
C GLY A 267 6.41 -10.64 -2.03
N SER A 268 5.33 -11.29 -1.62
CA SER A 268 5.02 -12.62 -2.11
C SER A 268 4.45 -12.63 -3.54
N TYR A 269 3.76 -11.56 -3.91
CA TYR A 269 3.16 -11.47 -5.25
C TYR A 269 4.12 -10.84 -6.25
N ALA A 270 4.85 -9.83 -5.80
CA ALA A 270 5.86 -9.19 -6.63
C ALA A 270 7.22 -9.72 -6.24
N ASN A 271 7.33 -11.05 -6.22
CA ASN A 271 8.52 -11.71 -5.69
C ASN A 271 9.58 -11.91 -6.77
N ASN A 272 9.38 -11.28 -7.92
CA ASN A 272 10.37 -11.31 -8.99
C ASN A 272 10.50 -9.97 -9.69
N ALA A 273 11.72 -9.65 -10.12
CA ALA A 273 11.96 -8.44 -10.90
C ALA A 273 11.03 -8.35 -12.10
N GLN A 274 10.00 -9.20 -12.10
CA GLN A 274 9.42 -9.70 -13.34
C GLN A 274 7.92 -9.95 -13.19
N ASN A 275 7.55 -10.58 -12.08
CA ASN A 275 6.15 -10.68 -11.69
C ASN A 275 5.77 -9.29 -11.25
N LEU A 276 6.80 -8.53 -10.91
CA LEU A 276 6.68 -7.12 -10.58
C LEU A 276 6.41 -6.36 -11.88
N GLN A 277 7.16 -6.72 -12.93
CA GLN A 277 7.03 -6.05 -14.21
C GLN A 277 5.62 -6.19 -14.74
N THR A 278 5.13 -7.42 -14.79
CA THR A 278 3.80 -7.69 -15.28
C THR A 278 2.74 -6.94 -14.46
N MET A 279 2.93 -6.91 -13.14
CA MET A 279 2.01 -6.20 -12.27
C MET A 279 2.09 -4.70 -12.49
N ALA A 280 3.31 -4.18 -12.61
CA ALA A 280 3.53 -2.75 -12.82
C ALA A 280 2.96 -2.33 -14.17
N ASP A 281 3.12 -3.17 -15.18
CA ASP A 281 2.59 -2.83 -16.51
C ASP A 281 1.08 -2.62 -16.42
N GLU A 282 0.39 -3.46 -15.66
CA GLU A 282 -1.05 -3.32 -15.53
C GLU A 282 -1.41 -2.05 -14.76
N LEU A 283 -0.67 -1.78 -13.70
CA LEU A 283 -0.90 -0.59 -12.89
C LEU A 283 -0.76 0.68 -13.72
N PHE A 284 0.38 0.81 -14.39
CA PHE A 284 0.64 1.98 -15.21
C PHE A 284 -0.26 2.04 -16.44
N ASP A 285 -0.78 0.89 -16.84
CA ASP A 285 -1.68 0.83 -17.99
C ASP A 285 -3.02 1.43 -17.56
N MET A 286 -3.40 1.19 -16.31
CA MET A 286 -4.65 1.72 -15.77
C MET A 286 -4.54 3.24 -15.68
N LEU A 287 -3.38 3.71 -15.26
CA LEU A 287 -3.14 5.15 -15.14
C LEU A 287 -3.19 5.80 -16.52
N ALA A 288 -2.42 5.23 -17.45
CA ALA A 288 -2.35 5.75 -18.81
C ALA A 288 -3.70 5.78 -19.52
N SER A 289 -4.56 4.82 -19.20
CA SER A 289 -5.88 4.74 -19.83
C SER A 289 -6.91 5.63 -19.12
N GLY A 290 -6.51 6.22 -18.01
CA GLY A 290 -7.41 7.09 -17.28
C GLY A 290 -8.35 6.41 -16.31
N LYS A 291 -8.11 5.13 -16.01
CA LYS A 291 -8.97 4.40 -15.07
C LYS A 291 -8.52 4.63 -13.63
N LEU A 292 -7.25 4.99 -13.45
CA LEU A 292 -6.69 5.29 -12.14
C LEU A 292 -6.13 6.69 -12.21
N LYS A 293 -6.26 7.45 -11.13
CA LYS A 293 -5.75 8.81 -11.13
C LYS A 293 -5.25 9.19 -9.75
N VAL A 294 -4.28 10.12 -9.71
CA VAL A 294 -3.74 10.55 -8.44
C VAL A 294 -4.01 12.02 -8.11
N ASP A 295 -3.65 12.92 -9.02
CA ASP A 295 -3.90 14.35 -8.82
C ASP A 295 -4.61 14.61 -7.50
N GLY A 296 -3.90 15.21 -6.56
CA GLY A 296 -4.45 15.45 -5.23
C GLY A 296 -3.52 14.80 -4.22
N ILE A 297 -2.28 15.27 -4.21
CA ILE A 297 -1.21 14.65 -3.46
C ILE A 297 -0.65 15.59 -2.42
N GLU A 298 -0.69 15.16 -1.17
CA GLU A 298 -0.16 15.97 -0.08
C GLU A 298 1.36 15.75 -0.09
N GLN A 299 2.13 16.82 0.08
CA GLN A 299 3.58 16.73 0.08
C GLN A 299 4.25 17.23 1.36
N TYR A 300 5.15 16.42 1.89
CA TYR A 300 5.91 16.76 3.10
C TYR A 300 7.38 16.71 2.74
N ALA A 301 8.18 17.59 3.34
CA ALA A 301 9.62 17.58 3.12
C ALA A 301 10.21 16.37 3.82
N LEU A 302 11.11 15.65 3.15
CA LEU A 302 11.63 14.42 3.72
C LEU A 302 11.98 14.64 5.20
N LYS A 303 12.48 15.82 5.53
CA LYS A 303 12.86 16.10 6.92
C LYS A 303 11.67 16.12 7.87
N ASP A 304 10.47 16.29 7.34
CA ASP A 304 9.26 16.30 8.16
C ASP A 304 8.52 14.97 8.10
N ALA A 305 9.27 13.89 7.86
CA ALA A 305 8.65 12.56 7.77
C ALA A 305 7.88 12.20 9.03
N ALA A 306 8.32 12.70 10.18
CA ALA A 306 7.64 12.38 11.43
C ALA A 306 6.23 12.95 11.44
N LYS A 307 6.08 14.20 10.98
CA LYS A 307 4.78 14.87 10.93
C LYS A 307 3.84 14.11 10.00
N ALA A 308 4.39 13.67 8.88
CA ALA A 308 3.60 12.93 7.89
C ALA A 308 3.10 11.62 8.50
N GLN A 309 3.97 10.89 9.19
CA GLN A 309 3.57 9.63 9.78
C GLN A 309 2.52 9.83 10.88
N ILE A 310 2.64 10.93 11.63
CA ILE A 310 1.67 11.21 12.69
C ILE A 310 0.26 11.37 12.12
N GLU A 311 0.14 12.07 10.99
CA GLU A 311 -1.17 12.26 10.37
C GLU A 311 -1.71 10.93 9.84
N LEU A 312 -0.84 10.16 9.20
CA LEU A 312 -1.23 8.85 8.65
C LEU A 312 -1.80 7.97 9.77
N SER A 313 -1.00 7.77 10.82
CA SER A 313 -1.42 6.94 11.94
C SER A 313 -2.66 7.49 12.64
N ALA A 314 -2.83 8.81 12.61
CA ALA A 314 -3.94 9.46 13.28
C ALA A 314 -5.24 9.34 12.48
N ARG A 315 -5.15 8.77 11.28
CA ARG A 315 -6.32 8.61 10.42
C ARG A 315 -6.86 9.96 9.98
N ARG A 316 -5.96 10.90 9.72
CA ARG A 316 -6.34 12.25 9.30
C ARG A 316 -5.92 12.50 7.85
N THR A 317 -5.81 11.43 7.08
CA THR A 317 -5.41 11.55 5.69
C THR A 317 -6.31 10.73 4.77
N THR A 318 -6.32 11.11 3.50
CA THR A 318 -7.09 10.43 2.47
C THR A 318 -6.21 10.34 1.23
N GLY A 319 -6.29 9.21 0.52
CA GLY A 319 -5.49 9.04 -0.67
C GLY A 319 -4.00 8.91 -0.35
N SER A 320 -3.16 9.21 -1.33
CA SER A 320 -1.72 9.11 -1.15
C SER A 320 -1.06 10.42 -0.70
N THR A 321 0.06 10.27 0.00
CA THR A 321 0.85 11.39 0.47
C THR A 321 2.32 11.03 0.29
N ILE A 322 3.11 11.98 -0.21
CA ILE A 322 4.50 11.69 -0.55
C ILE A 322 5.46 12.62 0.19
N LEU A 323 6.72 12.21 0.24
CA LEU A 323 7.78 12.97 0.88
C LEU A 323 8.71 13.44 -0.23
N ILE A 324 9.14 14.70 -0.16
CA ILE A 324 10.03 15.26 -1.18
C ILE A 324 11.42 15.48 -0.58
N PRO A 325 12.45 14.83 -1.16
CA PRO A 325 13.83 14.96 -0.68
C PRO A 325 14.50 16.28 -1.03
PA NDP B . -4.09 4.32 4.79
O1A NDP B . -3.75 5.56 4.04
O2A NDP B . -5.29 3.54 4.36
O5B NDP B . -4.17 4.67 6.31
C5B NDP B . -4.72 3.79 7.28
C4B NDP B . -6.20 4.00 7.31
O4B NDP B . -6.70 2.83 7.95
C3B NDP B . -6.72 5.21 8.09
O3B NDP B . -6.76 6.35 7.21
C2B NDP B . -8.03 4.68 8.66
O2B NDP B . -9.11 5.08 7.83
C1B NDP B . -7.83 3.10 8.77
N9A NDP B . -7.78 2.78 10.23
C8A NDP B . -8.67 2.05 10.90
N7A NDP B . -8.33 1.97 12.20
C5A NDP B . -7.22 2.67 12.29
C6A NDP B . -6.49 2.89 13.47
N6A NDP B . -6.85 2.39 14.65
N1A NDP B . -5.37 3.66 13.35
C2A NDP B . -4.96 4.21 12.15
N3A NDP B . -5.69 3.99 11.02
C4A NDP B . -6.84 3.21 11.08
O3 NDP B . -2.80 3.43 4.62
PN NDP B . -2.10 2.68 3.43
O1N NDP B . -2.84 2.85 2.13
O2N NDP B . -0.64 3.10 3.45
O5D NDP B . -2.24 1.17 4.05
C5D NDP B . -3.47 0.46 4.20
C4D NDP B . -3.23 -0.87 4.87
O4D NDP B . -2.58 -1.81 3.99
C3D NDP B . -2.33 -0.78 6.11
O3D NDP B . -2.85 -1.63 7.15
C2D NDP B . -0.96 -1.22 5.54
O2D NDP B . -0.04 -1.59 6.52
C1D NDP B . -1.34 -2.33 4.63
N1N NDP B . -0.55 -2.69 3.42
C2N NDP B . -0.37 -4.04 3.15
C3N NDP B . 0.35 -4.42 2.02
C7N NDP B . 0.57 -5.90 1.70
O7N NDP B . 1.20 -6.24 0.71
N7N NDP B . 0.02 -6.74 2.55
C4N NDP B . 0.91 -3.45 1.16
C5N NDP B . 0.72 -2.06 1.44
C6N NDP B . -0.01 -1.69 2.57
P2B NDP B . -10.60 5.40 8.50
O1X NDP B . -11.50 5.60 7.33
O2X NDP B . -10.93 4.20 9.28
O3X NDP B . -10.36 6.59 9.33
#